data_3CX7
#
_entry.id   3CX7
#
_cell.length_a   57.952
_cell.length_b   66.371
_cell.length_c   151.190
_cell.angle_alpha   90.000
_cell.angle_beta   90.000
_cell.angle_gamma   90.000
#
_symmetry.space_group_name_H-M   'P 21 21 21'
#
loop_
_entity.id
_entity.type
_entity.pdbx_description
1 polymer 'Guanine Nucleotide-Binding Protein Galpha 13'
2 polymer 'Glutamate Transporter Associated Protein 48'
3 non-polymer 'MAGNESIUM ION'
4 non-polymer 'TETRAFLUOROALUMINATE ION'
5 non-polymer "GUANOSINE-5'-DIPHOSPHATE"
6 water water
#
loop_
_entity_poly.entity_id
_entity_poly.type
_entity_poly.pdbx_seq_one_letter_code
_entity_poly.pdbx_strand_id
1 'polypeptide(L)'
;GEKTYVKRLVKILLLGAGESGKSTFLKQMRIIHGQDFDQRAREEFRPTIYSNVIKGMRVLVDAREKLHIPWGDNKNQLHG
DKLMAFDTRAPMAAQGMVETRVFLQYLPAIRALWEDSGIQNAYDRRREFQLGESVKYFLDNLDKLGVPDYIPSQQDILLA
RRPTKGIHEYDFEIKNVPFKMVDVGGQRSERKRWFECFDSVTSILFLVSSSEFDQVLMEDRQTNRLTESLNIFETIVNNR
VFSNVSIILFLNKTDLLEEKVQVVSIKDYFLEFEGDPHCLRDVQKFLVECFRGKRRDQQQRPLYHHFTTAINTENIRLVF
RDVKDTILHDNLKQLMLQ
;
A
2 'polypeptide(L)'
;GLIIGPEEDYDPGYFNNESDIIFQDLEKLKSHPAYLVVFLRYILSQADPGPLLFYLCSEVYQQTNPKDSRSLGKDIWNIF
LEKNAPLRVKIPEMLQAEIDLRLRNNEDPRNVLCEAQEAVMLEIQEQINDYRSKRTLGLGSLYGENDLLGLDGDPLRERQ
MAEKQLAALGDILSKYEEDRSAPMDFAVNTFMSHAGIRLRESR
;
B
#
loop_
_chem_comp.id
_chem_comp.type
_chem_comp.name
_chem_comp.formula
ALF non-polymer 'TETRAFLUOROALUMINATE ION' 'Al F4 -1'
GDP RNA linking GUANOSINE-5'-DIPHOSPHATE 'C10 H15 N5 O11 P2'
MG non-polymer 'MAGNESIUM ION' 'Mg 2'
#
# COMPACT_ATOMS: atom_id res chain seq x y z
N ARG A 8 9.46 -25.38 -4.14
CA ARG A 8 8.92 -26.47 -3.27
C ARG A 8 8.40 -25.92 -1.95
N LEU A 9 8.87 -24.74 -1.58
CA LEU A 9 8.45 -24.07 -0.35
C LEU A 9 7.27 -23.15 -0.65
N VAL A 10 6.31 -23.08 0.27
CA VAL A 10 5.16 -22.20 0.08
C VAL A 10 5.51 -20.85 0.72
N LYS A 11 5.86 -19.88 -0.10
CA LYS A 11 6.22 -18.56 0.40
C LYS A 11 4.99 -17.64 0.36
N ILE A 12 4.68 -17.04 1.50
CA ILE A 12 3.54 -16.15 1.65
C ILE A 12 3.94 -14.75 2.13
N LEU A 13 3.53 -13.74 1.39
CA LEU A 13 3.82 -12.35 1.71
C LEU A 13 2.59 -11.68 2.34
N LEU A 14 2.79 -11.02 3.46
CA LEU A 14 1.71 -10.30 4.14
C LEU A 14 1.81 -8.82 3.80
N LEU A 15 0.82 -8.31 3.06
CA LEU A 15 0.82 -6.90 2.69
C LEU A 15 -0.46 -6.21 3.19
N GLY A 16 -0.44 -4.88 3.24
CA GLY A 16 -1.57 -4.11 3.71
C GLY A 16 -1.11 -2.80 4.33
N ALA A 17 -1.95 -1.78 4.30
CA ALA A 17 -1.59 -0.49 4.86
C ALA A 17 -1.23 -0.64 6.34
N GLY A 18 -0.78 0.46 6.94
CA GLY A 18 -0.42 0.38 8.34
C GLY A 18 -1.58 -0.03 9.24
N GLU A 19 -1.25 -0.81 10.27
CA GLU A 19 -2.19 -1.25 11.27
C GLU A 19 -3.33 -2.13 10.78
N SER A 20 -3.11 -2.85 9.68
CA SER A 20 -4.16 -3.70 9.17
C SER A 20 -4.20 -5.07 9.88
N GLY A 21 -3.13 -5.40 10.62
CA GLY A 21 -3.09 -6.65 11.37
C GLY A 21 -2.12 -7.71 10.87
N LYS A 22 -1.11 -7.30 10.12
CA LYS A 22 -0.14 -8.25 9.58
C LYS A 22 0.62 -9.03 10.65
N SER A 23 1.27 -8.31 11.55
CA SER A 23 2.04 -8.94 12.62
C SER A 23 1.15 -9.79 13.55
N THR A 24 -0.11 -9.41 13.70
CA THR A 24 -0.99 -10.18 14.55
C THR A 24 -1.22 -11.52 13.87
N PHE A 25 -1.40 -11.50 12.56
CA PHE A 25 -1.59 -12.75 11.82
C PHE A 25 -0.33 -13.62 12.01
N LEU A 26 0.84 -13.00 11.88
CA LEU A 26 2.12 -13.68 12.03
C LEU A 26 2.18 -14.41 13.37
N LYS A 27 1.84 -13.71 14.45
CA LYS A 27 1.84 -14.31 15.77
C LYS A 27 0.90 -15.51 15.85
N GLN A 28 -0.24 -15.42 15.16
CA GLN A 28 -1.20 -16.52 15.15
C GLN A 28 -0.58 -17.76 14.50
N MET A 29 0.17 -17.57 13.43
CA MET A 29 0.82 -18.70 12.77
C MET A 29 1.73 -19.41 13.77
N ARG A 30 2.39 -18.64 14.62
CA ARG A 30 3.29 -19.22 15.60
C ARG A 30 2.51 -19.95 16.69
N ILE A 31 1.36 -19.41 17.08
CA ILE A 31 0.55 -20.05 18.10
C ILE A 31 -0.12 -21.33 17.57
N ILE A 32 -0.62 -21.28 16.34
CA ILE A 32 -1.33 -22.42 15.76
C ILE A 32 -0.47 -23.49 15.12
N HIS A 33 0.60 -23.10 14.44
CA HIS A 33 1.44 -24.08 13.74
C HIS A 33 2.89 -24.18 14.21
N GLY A 34 3.30 -23.23 15.05
CA GLY A 34 4.67 -23.22 15.55
C GLY A 34 4.82 -23.56 17.02
N GLN A 35 5.84 -22.99 17.65
CA GLN A 35 6.13 -23.26 19.06
C GLN A 35 5.29 -22.50 20.08
N ASP A 36 4.43 -21.60 19.61
CA ASP A 36 3.58 -20.82 20.53
C ASP A 36 4.45 -19.85 21.32
N PHE A 37 3.91 -19.26 22.38
CA PHE A 37 4.66 -18.32 23.21
C PHE A 37 4.74 -18.77 24.67
N ASP A 38 5.90 -19.22 25.12
CA ASP A 38 5.99 -19.62 26.52
C ASP A 38 5.99 -18.36 27.40
N GLN A 39 5.91 -18.56 28.71
CA GLN A 39 5.87 -17.43 29.64
C GLN A 39 6.98 -16.40 29.47
N ARG A 40 8.22 -16.86 29.31
CA ARG A 40 9.34 -15.95 29.14
C ARG A 40 9.11 -15.08 27.90
N ALA A 41 8.65 -15.70 26.82
CA ALA A 41 8.41 -15.00 25.58
C ALA A 41 7.27 -14.01 25.77
N ARG A 42 6.29 -14.38 26.57
CA ARG A 42 5.18 -13.47 26.80
C ARG A 42 5.60 -12.32 27.69
N GLU A 43 6.53 -12.57 28.63
CA GLU A 43 6.98 -11.51 29.51
C GLU A 43 7.66 -10.39 28.75
N GLU A 44 8.29 -10.73 27.62
CA GLU A 44 8.96 -9.73 26.81
C GLU A 44 7.99 -8.70 26.24
N PHE A 45 6.69 -9.00 26.26
CA PHE A 45 5.71 -8.06 25.76
C PHE A 45 5.24 -7.09 26.83
N ARG A 46 5.56 -7.37 28.08
CA ARG A 46 5.14 -6.52 29.19
C ARG A 46 5.53 -5.05 29.00
N PRO A 47 6.82 -4.77 28.73
CA PRO A 47 7.27 -3.38 28.52
C PRO A 47 6.44 -2.69 27.44
N THR A 48 6.18 -3.41 26.35
CA THR A 48 5.41 -2.89 25.22
C THR A 48 3.98 -2.59 25.67
N ILE A 49 3.41 -3.51 26.43
CA ILE A 49 2.05 -3.33 26.92
C ILE A 49 1.96 -2.14 27.86
N TYR A 50 2.93 -1.98 28.77
CA TYR A 50 2.87 -0.84 29.66
C TYR A 50 3.03 0.46 28.86
N SER A 51 3.85 0.41 27.82
CA SER A 51 4.06 1.59 26.99
C SER A 51 2.78 1.93 26.19
N ASN A 52 2.10 0.92 25.66
CA ASN A 52 0.87 1.15 24.89
C ASN A 52 -0.10 1.97 25.73
N VAL A 53 -0.24 1.57 27.00
CA VAL A 53 -1.15 2.19 27.94
C VAL A 53 -0.79 3.61 28.37
N ILE A 54 0.48 3.85 28.70
CA ILE A 54 0.86 5.20 29.11
C ILE A 54 0.78 6.17 27.95
N LYS A 55 1.34 5.79 26.81
CA LYS A 55 1.31 6.67 25.65
C LYS A 55 -0.12 6.81 25.15
N GLY A 56 -0.88 5.74 25.25
CA GLY A 56 -2.28 5.76 24.83
C GLY A 56 -3.08 6.76 25.66
N MET A 57 -2.94 6.69 26.97
CA MET A 57 -3.67 7.59 27.85
C MET A 57 -3.22 9.02 27.62
N ARG A 58 -1.93 9.20 27.33
CA ARG A 58 -1.42 10.54 27.08
C ARG A 58 -2.09 11.14 25.86
N VAL A 59 -2.27 10.35 24.80
CA VAL A 59 -2.93 10.87 23.61
C VAL A 59 -4.35 11.31 23.99
N LEU A 60 -5.02 10.52 24.82
CA LEU A 60 -6.37 10.83 25.24
C LEU A 60 -6.48 12.17 25.96
N VAL A 61 -5.68 12.41 27.00
CA VAL A 61 -5.79 13.68 27.70
C VAL A 61 -5.42 14.84 26.79
N ASP A 62 -4.47 14.63 25.88
CA ASP A 62 -4.08 15.69 24.93
C ASP A 62 -5.25 15.98 23.98
N ALA A 63 -6.01 14.93 23.66
CA ALA A 63 -7.17 15.06 22.78
C ALA A 63 -8.34 15.75 23.48
N ARG A 64 -8.59 15.38 24.74
CA ARG A 64 -9.67 15.99 25.50
C ARG A 64 -9.46 17.50 25.46
N GLU A 65 -8.25 17.90 25.80
CA GLU A 65 -7.86 19.29 25.83
C GLU A 65 -8.06 20.00 24.49
N LYS A 66 -7.32 19.57 23.46
CA LYS A 66 -7.41 20.20 22.17
C LYS A 66 -8.75 20.13 21.48
N LEU A 67 -9.57 19.13 21.80
CA LEU A 67 -10.89 19.05 21.19
C LEU A 67 -11.86 19.83 22.09
N HIS A 68 -11.33 20.40 23.16
CA HIS A 68 -12.10 21.17 24.14
C HIS A 68 -13.25 20.33 24.69
N ILE A 69 -12.93 19.12 25.11
CA ILE A 69 -13.97 18.27 25.69
C ILE A 69 -13.87 18.54 27.18
N PRO A 70 -15.01 18.72 27.84
CA PRO A 70 -15.01 18.99 29.29
C PRO A 70 -14.55 17.81 30.13
N TRP A 71 -14.02 18.11 31.30
CA TRP A 71 -13.59 17.07 32.22
C TRP A 71 -14.86 16.49 32.83
N GLY A 72 -14.87 15.19 33.07
CA GLY A 72 -16.03 14.60 33.70
C GLY A 72 -15.96 15.05 35.16
N ASP A 73 -14.75 15.40 35.58
CA ASP A 73 -14.49 15.86 36.93
C ASP A 73 -13.14 16.61 36.92
N ASN A 74 -13.20 17.92 37.20
CA ASN A 74 -12.00 18.77 37.21
C ASN A 74 -10.81 18.27 37.99
N LYS A 75 -11.03 17.53 39.07
CA LYS A 75 -9.92 17.04 39.85
C LYS A 75 -8.99 16.14 39.03
N ASN A 76 -9.49 15.61 37.91
CA ASN A 76 -8.68 14.76 37.06
C ASN A 76 -7.65 15.56 36.27
N GLN A 77 -7.67 16.87 36.45
CA GLN A 77 -6.73 17.73 35.75
C GLN A 77 -5.32 17.42 36.24
N LEU A 78 -5.18 17.19 37.54
CA LEU A 78 -3.87 16.91 38.11
C LEU A 78 -3.31 15.58 37.59
N HIS A 79 -4.18 14.61 37.37
CA HIS A 79 -3.74 13.31 36.84
C HIS A 79 -3.35 13.53 35.37
N GLY A 80 -4.10 14.40 34.70
CA GLY A 80 -3.81 14.70 33.31
C GLY A 80 -2.42 15.31 33.22
N ASP A 81 -2.07 16.15 34.20
CA ASP A 81 -0.77 16.81 34.23
C ASP A 81 0.35 15.81 34.46
N LYS A 82 0.12 14.84 35.33
CA LYS A 82 1.14 13.84 35.60
C LYS A 82 1.48 13.09 34.31
N LEU A 83 0.47 12.67 33.58
CA LEU A 83 0.70 11.93 32.36
C LEU A 83 1.39 12.69 31.24
N MET A 84 1.00 13.94 31.03
CA MET A 84 1.62 14.74 29.97
C MET A 84 3.10 15.00 30.25
N ALA A 85 3.49 14.97 31.53
CA ALA A 85 4.88 15.22 31.93
C ALA A 85 5.77 14.02 31.65
N PHE A 86 5.16 12.88 31.28
CA PHE A 86 5.92 11.68 30.98
C PHE A 86 6.62 11.96 29.64
N ASP A 87 7.94 11.80 29.62
CA ASP A 87 8.73 12.04 28.40
C ASP A 87 8.70 10.83 27.47
N THR A 88 7.94 10.94 26.39
CA THR A 88 7.82 9.86 25.44
C THR A 88 9.04 9.77 24.53
N ARG A 89 9.94 10.75 24.63
CA ARG A 89 11.13 10.77 23.80
C ARG A 89 12.38 10.25 24.49
N ALA A 90 12.26 9.91 25.77
CA ALA A 90 13.40 9.37 26.50
C ALA A 90 13.77 8.01 25.87
N PRO A 91 15.01 7.53 26.11
CA PRO A 91 15.50 6.25 25.58
C PRO A 91 14.51 5.08 25.53
N MET A 92 14.16 4.52 26.68
CA MET A 92 13.25 3.39 26.70
C MET A 92 11.87 3.67 26.08
N ALA A 93 11.32 4.83 26.40
CA ALA A 93 10.02 5.19 25.86
C ALA A 93 10.11 5.31 24.34
N ALA A 94 11.23 5.82 23.85
CA ALA A 94 11.44 6.00 22.41
C ALA A 94 11.27 4.68 21.66
N GLN A 95 11.79 3.60 22.24
CA GLN A 95 11.66 2.29 21.61
C GLN A 95 10.44 1.51 22.16
N GLY A 96 9.39 2.26 22.47
CA GLY A 96 8.14 1.69 22.97
C GLY A 96 8.19 0.77 24.18
N MET A 97 9.00 1.11 25.18
CA MET A 97 9.09 0.26 26.37
C MET A 97 8.99 1.04 27.68
N VAL A 98 8.41 0.42 28.69
CA VAL A 98 8.26 1.04 29.99
C VAL A 98 8.48 0.01 31.11
N GLU A 99 9.35 0.34 32.05
CA GLU A 99 9.64 -0.55 33.17
C GLU A 99 8.41 -0.72 34.06
N THR A 100 8.36 -1.83 34.77
CA THR A 100 7.24 -2.11 35.66
C THR A 100 7.13 -1.10 36.81
N ARG A 101 8.25 -0.80 37.45
CA ARG A 101 8.24 0.14 38.56
C ARG A 101 7.69 1.50 38.11
N VAL A 102 8.08 1.96 36.92
CA VAL A 102 7.59 3.24 36.41
C VAL A 102 6.11 3.12 36.07
N PHE A 103 5.70 1.98 35.54
CA PHE A 103 4.30 1.81 35.18
C PHE A 103 3.42 1.95 36.41
N LEU A 104 3.86 1.38 37.53
CA LEU A 104 3.08 1.45 38.77
C LEU A 104 2.94 2.87 39.32
N GLN A 105 3.85 3.76 38.96
CA GLN A 105 3.77 5.12 39.45
C GLN A 105 2.64 5.87 38.76
N TYR A 106 2.35 5.48 37.53
CA TYR A 106 1.29 6.14 36.77
C TYR A 106 -0.08 5.46 36.86
N LEU A 107 -0.11 4.26 37.44
CA LEU A 107 -1.33 3.48 37.54
C LEU A 107 -2.51 4.21 38.18
N PRO A 108 -2.31 4.74 39.40
CA PRO A 108 -3.43 5.46 40.03
C PRO A 108 -4.02 6.55 39.12
N ALA A 109 -3.15 7.36 38.54
CA ALA A 109 -3.60 8.44 37.66
C ALA A 109 -4.29 7.95 36.41
N ILE A 110 -3.78 6.87 35.83
CA ILE A 110 -4.37 6.32 34.62
C ILE A 110 -5.77 5.78 34.88
N ARG A 111 -5.94 5.11 36.01
CA ARG A 111 -7.22 4.53 36.40
C ARG A 111 -8.26 5.62 36.63
N ALA A 112 -7.83 6.75 37.18
CA ALA A 112 -8.74 7.87 37.44
C ALA A 112 -9.17 8.48 36.10
N LEU A 113 -8.19 8.69 35.22
CA LEU A 113 -8.49 9.29 33.92
C LEU A 113 -9.43 8.42 33.08
N TRP A 114 -9.25 7.11 33.12
CA TRP A 114 -10.10 6.22 32.33
C TRP A 114 -11.56 6.27 32.77
N GLU A 115 -11.79 6.59 34.05
CA GLU A 115 -13.14 6.67 34.59
C GLU A 115 -13.80 8.01 34.26
N ASP A 116 -13.00 8.98 33.81
CA ASP A 116 -13.50 10.31 33.49
C ASP A 116 -14.24 10.33 32.15
N SER A 117 -15.48 10.83 32.16
CA SER A 117 -16.32 10.89 30.97
C SER A 117 -15.78 11.76 29.84
N GLY A 118 -14.97 12.76 30.18
CA GLY A 118 -14.38 13.58 29.14
C GLY A 118 -13.37 12.72 28.38
N ILE A 119 -12.56 11.99 29.14
CA ILE A 119 -11.55 11.11 28.57
C ILE A 119 -12.24 10.09 27.66
N GLN A 120 -13.35 9.53 28.14
CA GLN A 120 -14.12 8.56 27.37
C GLN A 120 -14.68 9.19 26.11
N ASN A 121 -15.22 10.40 26.24
CA ASN A 121 -15.78 11.09 25.08
C ASN A 121 -14.69 11.26 24.05
N ALA A 122 -13.51 11.65 24.50
CA ALA A 122 -12.38 11.83 23.60
C ALA A 122 -12.10 10.49 22.89
N TYR A 123 -12.18 9.39 23.62
CA TYR A 123 -11.93 8.08 23.03
C TYR A 123 -12.92 7.78 21.93
N ASP A 124 -14.19 8.12 22.17
CA ASP A 124 -15.24 7.89 21.19
C ASP A 124 -15.03 8.74 19.94
N ARG A 125 -14.25 9.81 20.09
CA ARG A 125 -13.98 10.70 18.96
C ARG A 125 -12.55 10.49 18.44
N ARG A 126 -12.00 9.30 18.66
CA ARG A 126 -10.65 8.96 18.23
C ARG A 126 -10.39 9.10 16.73
N ARG A 127 -11.44 9.06 15.92
CA ARG A 127 -11.25 9.20 14.48
C ARG A 127 -10.73 10.60 14.16
N GLU A 128 -10.84 11.52 15.13
CA GLU A 128 -10.36 12.88 14.90
C GLU A 128 -8.86 13.02 15.16
N PHE A 129 -8.26 11.96 15.69
CA PHE A 129 -6.81 11.92 15.90
C PHE A 129 -6.31 10.52 15.56
N GLN A 130 -5.21 10.08 16.18
CA GLN A 130 -4.68 8.75 15.89
C GLN A 130 -4.56 7.95 17.17
N LEU A 131 -5.26 6.82 17.23
CA LEU A 131 -5.23 5.97 18.42
C LEU A 131 -5.72 4.55 18.14
N GLY A 132 -4.94 3.56 18.56
CA GLY A 132 -5.33 2.18 18.34
C GLY A 132 -6.39 1.75 19.34
N GLU A 133 -7.38 0.99 18.87
CA GLU A 133 -8.43 0.56 19.77
C GLU A 133 -8.04 -0.47 20.83
N SER A 134 -6.83 -0.99 20.77
CA SER A 134 -6.43 -1.96 21.79
C SER A 134 -6.05 -1.26 23.08
N VAL A 135 -5.82 0.04 23.04
CA VAL A 135 -5.48 0.75 24.29
C VAL A 135 -6.72 0.63 25.20
N LYS A 136 -7.90 0.59 24.60
CA LYS A 136 -9.12 0.44 25.39
C LYS A 136 -9.14 -0.93 26.07
N TYR A 137 -8.75 -1.97 25.34
CA TYR A 137 -8.70 -3.32 25.90
C TYR A 137 -7.82 -3.36 27.15
N PHE A 138 -6.63 -2.75 27.07
CA PHE A 138 -5.73 -2.74 28.23
C PHE A 138 -6.20 -1.81 29.35
N LEU A 139 -6.88 -0.72 28.99
CA LEU A 139 -7.38 0.21 30.01
C LEU A 139 -8.54 -0.46 30.76
N ASP A 140 -9.31 -1.30 30.10
CA ASP A 140 -10.41 -2.00 30.77
C ASP A 140 -9.88 -3.20 31.57
N ASN A 141 -8.57 -3.42 31.51
CA ASN A 141 -7.96 -4.53 32.24
C ASN A 141 -6.82 -4.04 33.11
N LEU A 142 -6.89 -2.78 33.51
CA LEU A 142 -5.86 -2.20 34.35
C LEU A 142 -5.63 -3.04 35.58
N ASP A 143 -6.70 -3.66 36.08
CA ASP A 143 -6.57 -4.48 37.28
C ASP A 143 -5.56 -5.61 37.12
N LYS A 144 -5.66 -6.40 36.05
CA LYS A 144 -4.71 -7.48 35.90
C LYS A 144 -3.31 -6.99 35.52
N LEU A 145 -3.21 -5.82 34.90
CA LEU A 145 -1.89 -5.29 34.51
C LEU A 145 -1.17 -4.72 35.73
N GLY A 146 -1.94 -4.32 36.74
CA GLY A 146 -1.37 -3.73 37.94
C GLY A 146 -0.75 -4.65 38.98
N VAL A 147 -1.09 -5.93 38.95
CA VAL A 147 -0.52 -6.85 39.93
C VAL A 147 0.98 -6.97 39.67
N PRO A 148 1.78 -7.07 40.75
CA PRO A 148 3.23 -7.16 40.62
C PRO A 148 3.76 -8.37 39.83
N ASP A 149 3.07 -9.50 39.92
CA ASP A 149 3.50 -10.71 39.22
C ASP A 149 2.81 -10.89 37.85
N TYR A 150 2.40 -9.80 37.23
CA TYR A 150 1.70 -9.89 35.95
C TYR A 150 2.48 -10.45 34.76
N ILE A 151 1.88 -11.45 34.12
CA ILE A 151 2.46 -12.06 32.95
C ILE A 151 1.40 -11.96 31.85
N PRO A 152 1.71 -11.26 30.75
CA PRO A 152 0.76 -11.10 29.66
C PRO A 152 0.24 -12.44 29.16
N SER A 153 -1.06 -12.51 28.93
CA SER A 153 -1.67 -13.72 28.43
C SER A 153 -1.44 -13.76 26.93
N GLN A 154 -1.83 -14.88 26.31
CA GLN A 154 -1.67 -15.06 24.88
C GLN A 154 -2.52 -13.99 24.19
N GLN A 155 -3.72 -13.78 24.70
CA GLN A 155 -4.60 -12.77 24.15
C GLN A 155 -3.94 -11.39 24.27
N ASP A 156 -3.38 -11.09 25.44
CA ASP A 156 -2.72 -9.81 25.67
C ASP A 156 -1.63 -9.58 24.62
N ILE A 157 -0.90 -10.65 24.32
CA ILE A 157 0.19 -10.63 23.37
C ILE A 157 -0.29 -10.25 21.97
N LEU A 158 -1.44 -10.78 21.58
CA LEU A 158 -2.01 -10.52 20.27
C LEU A 158 -2.48 -9.10 20.14
N LEU A 159 -2.90 -8.52 21.26
CA LEU A 159 -3.40 -7.15 21.26
C LEU A 159 -2.31 -6.09 21.35
N ALA A 160 -1.18 -6.45 21.96
CA ALA A 160 -0.06 -5.52 22.11
C ALA A 160 0.27 -4.92 20.75
N ARG A 161 0.56 -3.61 20.74
CA ARG A 161 0.89 -2.92 19.50
C ARG A 161 2.39 -2.61 19.37
N ARG A 162 3.04 -3.23 18.39
CA ARG A 162 4.47 -3.02 18.10
C ARG A 162 4.60 -2.64 16.61
N PRO A 163 4.79 -1.35 16.31
CA PRO A 163 4.92 -0.94 14.90
C PRO A 163 6.05 -1.70 14.22
N THR A 164 5.83 -2.15 13.00
CA THR A 164 6.82 -2.90 12.27
C THR A 164 7.62 -2.07 11.28
N LYS A 165 8.93 -2.26 11.30
CA LYS A 165 9.83 -1.57 10.40
C LYS A 165 10.71 -2.69 9.84
N GLY A 166 11.01 -2.62 8.55
CA GLY A 166 11.84 -3.65 7.97
C GLY A 166 11.09 -4.94 7.66
N ILE A 167 11.84 -5.96 7.28
CA ILE A 167 11.27 -7.24 6.90
C ILE A 167 11.54 -8.32 7.95
N HIS A 168 10.56 -9.21 8.14
CA HIS A 168 10.66 -10.30 9.10
C HIS A 168 10.12 -11.61 8.55
N GLU A 169 10.87 -12.68 8.74
CA GLU A 169 10.48 -13.99 8.26
C GLU A 169 10.11 -14.93 9.39
N TYR A 170 9.18 -15.83 9.11
CA TYR A 170 8.77 -16.83 10.08
C TYR A 170 8.51 -18.13 9.34
N ASP A 171 9.32 -19.14 9.62
CA ASP A 171 9.17 -20.43 8.98
C ASP A 171 8.37 -21.37 9.87
N PHE A 172 7.61 -22.26 9.24
CA PHE A 172 6.84 -23.24 9.98
C PHE A 172 6.41 -24.36 9.05
N GLU A 173 5.78 -25.39 9.60
CA GLU A 173 5.33 -26.50 8.79
C GLU A 173 3.91 -26.91 9.10
N ILE A 174 3.25 -27.46 8.09
CA ILE A 174 1.89 -27.95 8.23
C ILE A 174 1.87 -29.26 7.44
N LYS A 175 1.88 -30.38 8.15
CA LYS A 175 1.86 -31.69 7.51
C LYS A 175 2.93 -31.87 6.44
N ASN A 176 4.19 -31.69 6.84
CA ASN A 176 5.32 -31.84 5.94
C ASN A 176 5.51 -30.76 4.88
N VAL A 177 4.58 -29.82 4.78
CA VAL A 177 4.75 -28.75 3.81
C VAL A 177 5.45 -27.60 4.54
N PRO A 178 6.58 -27.15 4.00
CA PRO A 178 7.32 -26.05 4.64
C PRO A 178 6.75 -24.68 4.24
N PHE A 179 6.49 -23.85 5.24
CA PHE A 179 5.96 -22.52 5.00
C PHE A 179 6.95 -21.44 5.43
N LYS A 180 6.98 -20.38 4.65
CA LYS A 180 7.80 -19.22 4.97
C LYS A 180 6.88 -18.03 4.80
N MET A 181 6.63 -17.33 5.89
CA MET A 181 5.74 -16.17 5.84
C MET A 181 6.56 -14.91 6.07
N VAL A 182 6.36 -13.93 5.22
CA VAL A 182 7.10 -12.68 5.31
C VAL A 182 6.17 -11.56 5.75
N ASP A 183 6.60 -10.82 6.77
CA ASP A 183 5.85 -9.71 7.35
C ASP A 183 6.63 -8.40 7.06
N VAL A 184 5.90 -7.32 6.75
CA VAL A 184 6.54 -6.03 6.47
C VAL A 184 5.73 -4.89 7.07
N GLY A 185 6.31 -3.70 7.13
CA GLY A 185 5.59 -2.56 7.67
C GLY A 185 4.66 -2.06 6.58
N GLY A 186 3.58 -1.38 6.97
CA GLY A 186 2.63 -0.91 5.98
C GLY A 186 2.52 0.58 5.75
N GLN A 187 3.15 1.39 6.61
CA GLN A 187 3.11 2.83 6.39
C GLN A 187 3.78 3.09 5.05
N ARG A 188 3.38 4.20 4.42
CA ARG A 188 3.93 4.60 3.14
C ARG A 188 5.45 4.45 3.04
N SER A 189 6.17 4.99 4.01
CA SER A 189 7.63 4.94 3.98
C SER A 189 8.23 3.55 3.99
N GLU A 190 7.48 2.57 4.52
CA GLU A 190 7.97 1.19 4.60
C GLU A 190 7.69 0.36 3.37
N ARG A 191 6.78 0.83 2.52
CA ARG A 191 6.43 0.06 1.33
C ARG A 191 7.55 -0.06 0.29
N LYS A 192 8.59 0.74 0.43
CA LYS A 192 9.71 0.65 -0.52
C LYS A 192 10.41 -0.70 -0.35
N ARG A 193 10.21 -1.33 0.80
CA ARG A 193 10.83 -2.61 1.09
C ARG A 193 10.01 -3.79 0.63
N TRP A 194 8.83 -3.52 0.07
CA TRP A 194 7.98 -4.60 -0.39
C TRP A 194 8.57 -5.31 -1.61
N PHE A 195 9.31 -4.59 -2.45
CA PHE A 195 9.87 -5.18 -3.66
C PHE A 195 10.99 -6.19 -3.47
N GLU A 196 11.61 -6.17 -2.29
CA GLU A 196 12.72 -7.07 -2.01
C GLU A 196 12.29 -8.50 -1.70
N CYS A 197 11.00 -8.72 -1.46
CA CYS A 197 10.51 -10.05 -1.12
C CYS A 197 9.70 -10.77 -2.19
N PHE A 198 9.20 -10.01 -3.17
CA PHE A 198 8.38 -10.60 -4.23
C PHE A 198 9.02 -11.77 -4.98
N ASP A 199 10.20 -12.20 -4.55
CA ASP A 199 10.90 -13.28 -5.22
C ASP A 199 10.50 -14.69 -4.77
N SER A 200 10.05 -15.50 -5.71
CA SER A 200 9.62 -16.86 -5.44
C SER A 200 8.40 -16.90 -4.53
N VAL A 201 7.63 -15.81 -4.54
CA VAL A 201 6.43 -15.73 -3.72
C VAL A 201 5.32 -16.53 -4.38
N THR A 202 4.68 -17.37 -3.59
CA THR A 202 3.60 -18.23 -4.07
C THR A 202 2.26 -17.54 -3.90
N SER A 203 2.15 -16.76 -2.83
CA SER A 203 0.88 -16.11 -2.53
C SER A 203 0.98 -14.85 -1.68
N ILE A 204 0.01 -13.96 -1.89
CA ILE A 204 -0.07 -12.70 -1.18
C ILE A 204 -1.35 -12.66 -0.34
N LEU A 205 -1.21 -12.35 0.94
CA LEU A 205 -2.38 -12.21 1.80
C LEU A 205 -2.42 -10.69 1.98
N PHE A 206 -3.52 -10.08 1.55
CA PHE A 206 -3.64 -8.64 1.65
C PHE A 206 -4.62 -8.33 2.75
N LEU A 207 -4.12 -7.72 3.82
CA LEU A 207 -4.98 -7.40 4.94
C LEU A 207 -5.54 -5.99 4.88
N VAL A 208 -6.81 -5.89 5.23
CA VAL A 208 -7.50 -4.63 5.25
C VAL A 208 -8.24 -4.55 6.56
N SER A 209 -8.14 -3.42 7.24
CA SER A 209 -8.87 -3.23 8.48
C SER A 209 -10.28 -2.84 8.00
N SER A 210 -11.22 -3.77 8.06
CA SER A 210 -12.56 -3.48 7.59
C SER A 210 -13.28 -2.35 8.35
N SER A 211 -12.74 -1.91 9.48
CA SER A 211 -13.39 -0.85 10.25
C SER A 211 -12.74 0.53 10.19
N GLU A 212 -11.88 0.76 9.20
CA GLU A 212 -11.18 2.03 9.06
C GLU A 212 -11.87 3.03 8.13
N PHE A 213 -13.09 2.73 7.70
CA PHE A 213 -13.79 3.62 6.78
C PHE A 213 -14.04 5.03 7.31
N ASP A 214 -14.04 5.21 8.63
CA ASP A 214 -14.26 6.55 9.20
C ASP A 214 -12.96 7.19 9.69
N GLN A 215 -11.81 6.65 9.30
CA GLN A 215 -10.52 7.18 9.75
C GLN A 215 -9.62 7.67 8.63
N VAL A 216 -8.63 8.48 9.01
CA VAL A 216 -7.67 9.00 8.04
C VAL A 216 -6.28 8.48 8.39
N LEU A 217 -5.40 8.50 7.41
CA LEU A 217 -4.03 8.01 7.58
C LEU A 217 -3.21 8.77 8.61
N MET A 218 -2.30 8.04 9.23
CA MET A 218 -1.37 8.60 10.22
C MET A 218 -0.34 9.40 9.42
N GLU A 219 0.01 8.90 8.23
CA GLU A 219 0.98 9.54 7.36
C GLU A 219 0.63 11.01 7.07
N ASP A 220 -0.61 11.25 6.65
CA ASP A 220 -1.09 12.60 6.36
C ASP A 220 -2.54 12.57 6.83
N ARG A 221 -2.78 13.10 8.02
CA ARG A 221 -4.11 13.11 8.60
C ARG A 221 -5.17 13.74 7.72
N GLN A 222 -5.35 13.19 6.51
CA GLN A 222 -6.32 13.69 5.55
C GLN A 222 -6.89 12.58 4.68
N THR A 223 -6.03 11.71 4.15
CA THR A 223 -6.49 10.62 3.28
C THR A 223 -7.23 9.54 4.06
N ASN A 224 -8.44 9.24 3.63
CA ASN A 224 -9.27 8.22 4.27
C ASN A 224 -8.54 6.87 4.20
N ARG A 225 -8.51 6.14 5.31
CA ARG A 225 -7.81 4.85 5.38
C ARG A 225 -8.25 3.78 4.39
N LEU A 226 -9.55 3.62 4.22
CA LEU A 226 -10.08 2.62 3.30
C LEU A 226 -9.70 2.99 1.87
N THR A 227 -9.63 4.29 1.61
CA THR A 227 -9.26 4.74 0.27
C THR A 227 -7.84 4.28 -0.01
N GLU A 228 -6.94 4.51 0.95
CA GLU A 228 -5.54 4.12 0.81
C GLU A 228 -5.46 2.62 0.55
N SER A 229 -6.13 1.83 1.37
CA SER A 229 -6.12 0.36 1.19
C SER A 229 -6.58 -0.02 -0.21
N LEU A 230 -7.67 0.61 -0.65
CA LEU A 230 -8.19 0.31 -1.97
C LEU A 230 -7.16 0.61 -3.06
N ASN A 231 -6.53 1.77 -2.98
CA ASN A 231 -5.54 2.14 -3.97
C ASN A 231 -4.31 1.25 -3.98
N ILE A 232 -3.83 0.85 -2.81
CA ILE A 232 -2.68 -0.03 -2.75
C ILE A 232 -3.07 -1.35 -3.42
N PHE A 233 -4.22 -1.89 -3.04
CA PHE A 233 -4.72 -3.14 -3.58
C PHE A 233 -4.84 -3.09 -5.11
N GLU A 234 -5.35 -1.97 -5.61
CA GLU A 234 -5.53 -1.77 -7.05
C GLU A 234 -4.21 -1.84 -7.79
N THR A 235 -3.14 -1.29 -7.23
CA THR A 235 -1.88 -1.35 -7.94
C THR A 235 -1.30 -2.77 -7.91
N ILE A 236 -1.50 -3.47 -6.80
CA ILE A 236 -1.00 -4.83 -6.66
C ILE A 236 -1.71 -5.81 -7.60
N VAL A 237 -3.03 -5.90 -7.47
CA VAL A 237 -3.85 -6.82 -8.25
C VAL A 237 -3.84 -6.59 -9.76
N ASN A 238 -3.52 -5.37 -10.19
CA ASN A 238 -3.49 -5.08 -11.62
C ASN A 238 -2.11 -5.15 -12.23
N ASN A 239 -1.11 -5.48 -11.42
CA ASN A 239 0.25 -5.56 -11.91
C ASN A 239 0.49 -6.93 -12.56
N ARG A 240 0.64 -6.96 -13.88
CA ARG A 240 0.85 -8.20 -14.62
C ARG A 240 1.93 -9.12 -14.02
N VAL A 241 2.85 -8.53 -13.27
CA VAL A 241 3.93 -9.29 -12.63
C VAL A 241 3.35 -10.26 -11.60
N PHE A 242 2.13 -10.00 -11.16
CA PHE A 242 1.47 -10.83 -10.15
C PHE A 242 0.32 -11.68 -10.68
N SER A 243 0.21 -11.82 -11.99
CA SER A 243 -0.86 -12.62 -12.57
C SER A 243 -0.74 -14.09 -12.14
N ASN A 244 0.51 -14.52 -11.93
CA ASN A 244 0.80 -15.89 -11.52
C ASN A 244 0.66 -16.12 -10.00
N VAL A 245 0.54 -15.04 -9.23
CA VAL A 245 0.44 -15.14 -7.79
C VAL A 245 -1.00 -15.14 -7.28
N SER A 246 -1.25 -15.96 -6.25
CA SER A 246 -2.56 -16.07 -5.63
C SER A 246 -2.78 -14.94 -4.64
N ILE A 247 -3.68 -14.02 -4.96
CA ILE A 247 -3.95 -12.92 -4.05
C ILE A 247 -5.21 -13.27 -3.25
N ILE A 248 -5.11 -13.18 -1.93
CA ILE A 248 -6.23 -13.44 -1.06
C ILE A 248 -6.47 -12.20 -0.22
N LEU A 249 -7.73 -11.79 -0.15
CA LEU A 249 -8.09 -10.60 0.59
C LEU A 249 -8.65 -10.93 1.97
N PHE A 250 -8.14 -10.25 2.97
CA PHE A 250 -8.56 -10.43 4.35
C PHE A 250 -9.20 -9.15 4.85
N LEU A 251 -10.51 -9.19 5.06
CA LEU A 251 -11.19 -8.04 5.60
C LEU A 251 -11.15 -8.33 7.10
N ASN A 252 -10.07 -7.86 7.72
CA ASN A 252 -9.78 -8.08 9.14
C ASN A 252 -10.54 -7.10 10.06
N LYS A 253 -10.44 -7.35 11.37
CA LYS A 253 -11.12 -6.52 12.35
C LYS A 253 -12.64 -6.55 12.15
N THR A 254 -13.18 -7.74 11.97
CA THR A 254 -14.60 -7.94 11.78
C THR A 254 -15.34 -7.58 13.05
N ASP A 255 -14.75 -7.93 14.19
CA ASP A 255 -15.32 -7.65 15.51
C ASP A 255 -15.47 -6.16 15.75
N LEU A 256 -14.48 -5.38 15.32
CA LEU A 256 -14.54 -3.93 15.52
C LEU A 256 -15.53 -3.32 14.56
N LEU A 257 -15.64 -3.88 13.36
CA LEU A 257 -16.58 -3.37 12.38
C LEU A 257 -18.00 -3.58 12.89
N GLU A 258 -18.23 -4.75 13.46
CA GLU A 258 -19.53 -5.09 14.01
C GLU A 258 -19.98 -4.08 15.04
N GLU A 259 -19.09 -3.71 15.95
CA GLU A 259 -19.41 -2.72 16.97
C GLU A 259 -19.64 -1.36 16.33
N LYS A 260 -18.71 -0.96 15.48
CA LYS A 260 -18.75 0.34 14.82
C LYS A 260 -19.99 0.68 14.00
N VAL A 261 -20.46 -0.26 13.18
CA VAL A 261 -21.64 0.00 12.36
C VAL A 261 -22.87 0.39 13.19
N GLN A 262 -22.81 0.14 14.50
CA GLN A 262 -23.92 0.48 15.39
C GLN A 262 -23.91 1.94 15.83
N VAL A 263 -22.81 2.64 15.59
CA VAL A 263 -22.71 4.03 16.03
C VAL A 263 -22.21 5.00 14.98
N VAL A 264 -21.70 4.48 13.87
CA VAL A 264 -21.17 5.32 12.81
C VAL A 264 -21.68 4.74 11.50
N SER A 265 -22.00 5.61 10.55
CA SER A 265 -22.50 5.15 9.27
C SER A 265 -21.49 5.34 8.15
N ILE A 266 -21.24 4.27 7.38
CA ILE A 266 -20.30 4.32 6.28
C ILE A 266 -20.79 5.24 5.18
N LYS A 267 -22.08 5.53 5.18
CA LYS A 267 -22.70 6.41 4.20
C LYS A 267 -22.14 7.82 4.35
N ASP A 268 -21.76 8.18 5.57
CA ASP A 268 -21.20 9.50 5.84
C ASP A 268 -19.80 9.66 5.27
N TYR A 269 -19.22 8.56 4.77
CA TYR A 269 -17.88 8.60 4.19
C TYR A 269 -17.82 8.09 2.76
N PHE A 270 -18.72 7.18 2.41
CA PHE A 270 -18.76 6.63 1.05
C PHE A 270 -20.18 6.62 0.47
N LEU A 271 -20.52 7.68 -0.24
CA LEU A 271 -21.84 7.86 -0.87
C LEU A 271 -22.47 6.61 -1.49
N GLU A 272 -21.70 5.90 -2.31
CA GLU A 272 -22.16 4.68 -2.98
C GLU A 272 -22.98 3.74 -2.11
N PHE A 273 -22.66 3.68 -0.82
CA PHE A 273 -23.39 2.77 0.04
C PHE A 273 -24.90 2.99 0.04
N GLU A 274 -25.63 1.95 -0.33
CA GLU A 274 -27.08 1.98 -0.33
C GLU A 274 -27.54 0.68 0.30
N GLY A 275 -27.89 0.76 1.57
CA GLY A 275 -28.33 -0.40 2.31
C GLY A 275 -28.43 0.03 3.75
N ASP A 276 -28.61 -0.92 4.65
CA ASP A 276 -28.71 -0.59 6.06
C ASP A 276 -27.30 -0.40 6.63
N PRO A 277 -26.91 0.85 6.93
CA PRO A 277 -25.58 1.15 7.47
C PRO A 277 -25.40 0.55 8.87
N HIS A 278 -26.50 0.09 9.47
CA HIS A 278 -26.49 -0.54 10.79
C HIS A 278 -26.34 -2.05 10.61
N CYS A 279 -26.32 -2.50 9.36
CA CYS A 279 -26.22 -3.93 9.07
C CYS A 279 -24.80 -4.37 8.68
N LEU A 280 -24.17 -5.16 9.55
CA LEU A 280 -22.82 -5.67 9.29
C LEU A 280 -22.73 -6.31 7.91
N ARG A 281 -23.65 -7.23 7.62
CA ARG A 281 -23.69 -7.92 6.33
C ARG A 281 -23.71 -7.00 5.12
N ASP A 282 -24.42 -5.87 5.21
CA ASP A 282 -24.50 -4.95 4.09
C ASP A 282 -23.21 -4.14 3.94
N VAL A 283 -22.56 -3.83 5.06
CA VAL A 283 -21.31 -3.08 4.98
C VAL A 283 -20.23 -4.00 4.44
N GLN A 284 -20.22 -5.26 4.89
CA GLN A 284 -19.24 -6.23 4.42
C GLN A 284 -19.40 -6.44 2.90
N LYS A 285 -20.64 -6.58 2.43
CA LYS A 285 -20.88 -6.76 1.00
C LYS A 285 -20.35 -5.57 0.22
N PHE A 286 -20.65 -4.37 0.72
CA PHE A 286 -20.20 -3.15 0.07
C PHE A 286 -18.67 -3.13 -0.04
N LEU A 287 -18.00 -3.44 1.06
CA LEU A 287 -16.53 -3.44 1.07
C LEU A 287 -15.97 -4.45 0.06
N VAL A 288 -16.51 -5.66 0.06
CA VAL A 288 -16.05 -6.67 -0.89
C VAL A 288 -16.18 -6.12 -2.32
N GLU A 289 -17.33 -5.52 -2.62
CA GLU A 289 -17.59 -4.93 -3.94
C GLU A 289 -16.50 -3.94 -4.32
N CYS A 290 -16.15 -3.07 -3.38
CA CYS A 290 -15.13 -2.05 -3.61
C CYS A 290 -13.80 -2.65 -4.05
N PHE A 291 -13.36 -3.71 -3.37
CA PHE A 291 -12.09 -4.33 -3.74
C PHE A 291 -12.19 -5.15 -5.01
N ARG A 292 -13.27 -5.90 -5.18
CA ARG A 292 -13.43 -6.70 -6.40
C ARG A 292 -13.45 -5.78 -7.61
N GLY A 293 -14.15 -4.66 -7.49
CA GLY A 293 -14.27 -3.72 -8.60
C GLY A 293 -12.97 -3.10 -9.08
N LYS A 294 -11.89 -3.23 -8.31
CA LYS A 294 -10.61 -2.63 -8.67
C LYS A 294 -9.79 -3.44 -9.68
N ARG A 295 -10.11 -4.73 -9.79
CA ARG A 295 -9.39 -5.60 -10.73
C ARG A 295 -9.76 -5.24 -12.16
N ARG A 296 -8.75 -5.03 -13.01
CA ARG A 296 -8.98 -4.70 -14.40
C ARG A 296 -8.43 -5.79 -15.32
N ASP A 297 -9.32 -6.52 -15.98
CA ASP A 297 -8.91 -7.57 -16.91
C ASP A 297 -10.07 -7.94 -17.84
N PRO A 302 -11.02 -14.65 -10.35
CA PRO A 302 -11.00 -15.40 -9.08
C PRO A 302 -10.33 -14.64 -7.93
N LEU A 303 -11.13 -13.85 -7.22
CA LEU A 303 -10.65 -13.08 -6.08
C LEU A 303 -11.20 -13.67 -4.80
N TYR A 304 -10.35 -14.36 -4.06
CA TYR A 304 -10.74 -15.00 -2.81
C TYR A 304 -10.72 -14.01 -1.64
N HIS A 305 -11.70 -14.12 -0.75
CA HIS A 305 -11.75 -13.22 0.40
C HIS A 305 -12.28 -13.91 1.64
N HIS A 306 -11.98 -13.32 2.78
CA HIS A 306 -12.39 -13.83 4.09
C HIS A 306 -12.55 -12.63 5.01
N PHE A 307 -13.46 -12.76 5.96
CA PHE A 307 -13.71 -11.74 6.96
C PHE A 307 -13.00 -12.33 8.15
N THR A 308 -12.08 -11.59 8.72
CA THR A 308 -11.32 -12.13 9.83
C THR A 308 -11.25 -11.24 11.02
N THR A 309 -10.76 -11.85 12.09
CA THR A 309 -10.51 -11.18 13.34
C THR A 309 -9.18 -11.80 13.75
N ALA A 310 -8.09 -11.15 13.34
CA ALA A 310 -6.74 -11.64 13.63
C ALA A 310 -6.44 -11.91 15.10
N ILE A 311 -7.17 -11.26 16.02
CA ILE A 311 -6.90 -11.50 17.44
C ILE A 311 -7.58 -12.76 17.95
N ASN A 312 -8.48 -13.34 17.16
CA ASN A 312 -9.18 -14.54 17.56
C ASN A 312 -8.52 -15.75 16.94
N THR A 313 -7.86 -16.54 17.79
CA THR A 313 -7.12 -17.73 17.34
C THR A 313 -7.96 -18.78 16.62
N GLU A 314 -9.14 -19.07 17.13
CA GLU A 314 -9.99 -20.06 16.49
C GLU A 314 -10.39 -19.57 15.10
N ASN A 315 -10.71 -18.30 14.95
CA ASN A 315 -11.10 -17.78 13.65
C ASN A 315 -9.98 -17.94 12.64
N ILE A 316 -8.76 -17.56 13.03
CA ILE A 316 -7.61 -17.65 12.14
C ILE A 316 -7.28 -19.11 11.81
N ARG A 317 -7.47 -20.00 12.79
CA ARG A 317 -7.19 -21.41 12.55
C ARG A 317 -8.05 -21.93 11.39
N LEU A 318 -9.36 -21.66 11.45
CA LEU A 318 -10.22 -22.14 10.38
C LEU A 318 -10.01 -21.38 9.08
N VAL A 319 -9.70 -20.08 9.17
CA VAL A 319 -9.47 -19.28 7.97
C VAL A 319 -8.20 -19.70 7.25
N PHE A 320 -7.12 -19.96 8.00
CA PHE A 320 -5.88 -20.34 7.35
C PHE A 320 -5.97 -21.71 6.68
N ARG A 321 -6.84 -22.57 7.21
CA ARG A 321 -7.03 -23.88 6.62
C ARG A 321 -7.55 -23.69 5.19
N ASP A 322 -8.51 -22.78 5.03
CA ASP A 322 -9.06 -22.47 3.71
C ASP A 322 -7.97 -21.88 2.80
N VAL A 323 -7.19 -20.94 3.33
CA VAL A 323 -6.11 -20.31 2.58
C VAL A 323 -5.15 -21.36 2.04
N LYS A 324 -4.63 -22.19 2.94
CA LYS A 324 -3.70 -23.26 2.58
C LYS A 324 -4.23 -24.12 1.43
N ASP A 325 -5.49 -24.55 1.53
CA ASP A 325 -6.08 -25.38 0.48
C ASP A 325 -6.10 -24.63 -0.86
N THR A 326 -6.51 -23.37 -0.84
CA THR A 326 -6.56 -22.54 -2.06
C THR A 326 -5.19 -22.48 -2.75
N ILE A 327 -4.18 -22.06 -2.00
CA ILE A 327 -2.82 -21.92 -2.49
C ILE A 327 -2.24 -23.23 -3.04
N LEU A 328 -2.40 -24.32 -2.29
CA LEU A 328 -1.89 -25.60 -2.72
C LEU A 328 -2.53 -26.07 -4.01
N HIS A 329 -3.82 -25.76 -4.19
CA HIS A 329 -4.53 -26.20 -5.39
C HIS A 329 -4.36 -25.26 -6.59
N ASP A 330 -3.90 -24.05 -6.34
CA ASP A 330 -3.67 -23.10 -7.43
C ASP A 330 -2.24 -23.29 -7.96
N LEU B 2 -3.78 20.20 17.10
CA LEU B 2 -2.88 19.12 16.61
C LEU B 2 -3.32 17.79 17.18
N ILE B 3 -2.72 17.42 18.31
CA ILE B 3 -2.97 16.17 19.04
C ILE B 3 -1.87 15.18 18.71
N ILE B 4 -1.08 14.84 19.72
CA ILE B 4 0.05 13.92 19.59
C ILE B 4 -0.33 12.52 19.12
N GLY B 5 0.64 11.84 18.51
CA GLY B 5 0.40 10.48 18.04
C GLY B 5 0.94 9.49 19.06
N PRO B 6 0.43 8.24 19.07
CA PRO B 6 0.96 7.29 20.06
C PRO B 6 2.29 6.68 19.61
N GLU B 7 2.65 6.95 18.36
CA GLU B 7 3.88 6.44 17.75
C GLU B 7 4.61 7.62 17.11
N GLU B 8 5.48 8.28 17.88
CA GLU B 8 6.20 9.47 17.39
C GLU B 8 7.45 9.23 16.56
N ASP B 9 7.84 7.98 16.37
CA ASP B 9 9.06 7.68 15.60
C ASP B 9 8.88 7.44 14.11
N TYR B 10 7.90 8.10 13.48
CA TYR B 10 7.67 7.92 12.05
C TYR B 10 8.40 8.97 11.19
N ASP B 11 9.21 8.50 10.25
CA ASP B 11 9.95 9.37 9.34
C ASP B 11 9.47 9.12 7.91
N PRO B 12 8.90 10.15 7.26
CA PRO B 12 8.41 10.03 5.88
C PRO B 12 9.45 9.57 4.87
N GLY B 13 10.72 9.74 5.21
CA GLY B 13 11.80 9.35 4.31
C GLY B 13 12.25 10.52 3.45
N ASN B 17 12.64 15.23 -2.33
CA ASN B 17 13.55 15.38 -3.47
C ASN B 17 12.81 15.91 -4.70
N GLU B 18 13.55 16.15 -5.78
CA GLU B 18 12.93 16.68 -6.99
C GLU B 18 12.87 15.78 -8.21
N SER B 19 12.64 14.48 -7.98
CA SER B 19 12.49 13.53 -9.07
C SER B 19 11.01 13.71 -9.44
N ASP B 20 10.30 14.33 -8.51
CA ASP B 20 8.89 14.62 -8.63
C ASP B 20 8.60 15.47 -9.86
N ILE B 21 9.39 16.52 -10.05
CA ILE B 21 9.21 17.41 -11.18
C ILE B 21 9.42 16.72 -12.54
N ILE B 22 10.39 15.80 -12.59
CA ILE B 22 10.70 15.07 -13.81
C ILE B 22 9.59 14.09 -14.22
N PHE B 23 8.98 13.43 -13.24
CA PHE B 23 7.93 12.46 -13.52
C PHE B 23 6.60 13.07 -13.95
N GLN B 24 6.38 14.34 -13.66
CA GLN B 24 5.12 14.98 -14.04
C GLN B 24 5.10 15.59 -15.44
N ASP B 25 6.24 15.66 -16.10
CA ASP B 25 6.33 16.22 -17.45
C ASP B 25 6.97 15.25 -18.44
N LEU B 26 6.26 14.98 -19.53
CA LEU B 26 6.76 14.06 -20.54
C LEU B 26 8.01 14.57 -21.25
N GLU B 27 8.04 15.85 -21.60
CA GLU B 27 9.19 16.41 -22.29
C GLU B 27 10.50 16.09 -21.60
N LYS B 28 10.61 16.39 -20.31
CA LYS B 28 11.83 16.12 -19.57
C LYS B 28 12.00 14.65 -19.19
N LEU B 29 10.89 13.92 -19.10
CA LEU B 29 10.96 12.50 -18.78
C LEU B 29 11.64 11.80 -19.96
N LYS B 30 11.43 12.34 -21.15
CA LYS B 30 12.01 11.82 -22.39
C LYS B 30 13.49 12.16 -22.48
N SER B 31 13.91 13.22 -21.78
CA SER B 31 15.30 13.63 -21.78
C SER B 31 16.09 12.92 -20.67
N HIS B 32 15.37 12.21 -19.82
CA HIS B 32 15.99 11.46 -18.73
C HIS B 32 15.65 9.99 -18.91
N PRO B 33 16.32 9.32 -19.87
CA PRO B 33 16.11 7.91 -20.19
C PRO B 33 15.93 6.97 -19.01
N ALA B 34 16.72 7.17 -17.95
CA ALA B 34 16.62 6.33 -16.77
C ALA B 34 15.22 6.46 -16.17
N TYR B 35 14.71 7.69 -16.11
CA TYR B 35 13.38 7.91 -15.57
C TYR B 35 12.31 7.37 -16.51
N LEU B 36 12.56 7.49 -17.81
CA LEU B 36 11.63 7.01 -18.81
C LEU B 36 11.43 5.50 -18.69
N VAL B 37 12.53 4.78 -18.45
CA VAL B 37 12.46 3.34 -18.32
C VAL B 37 11.62 2.93 -17.11
N VAL B 38 11.69 3.72 -16.04
CA VAL B 38 10.89 3.44 -14.84
C VAL B 38 9.42 3.54 -15.22
N PHE B 39 9.05 4.66 -15.81
CA PHE B 39 7.67 4.90 -16.24
C PHE B 39 7.20 3.80 -17.21
N LEU B 40 8.08 3.35 -18.11
CA LEU B 40 7.71 2.29 -19.07
C LEU B 40 7.44 0.98 -18.35
N ARG B 41 8.16 0.77 -17.26
CA ARG B 41 7.98 -0.43 -16.48
C ARG B 41 6.60 -0.32 -15.82
N TYR B 42 6.22 0.91 -15.47
CA TYR B 42 4.91 1.12 -14.87
C TYR B 42 3.81 0.81 -15.89
N ILE B 43 3.87 1.51 -17.02
CA ILE B 43 2.89 1.35 -18.10
C ILE B 43 2.75 -0.10 -18.52
N LEU B 44 3.86 -0.70 -18.92
CA LEU B 44 3.90 -2.10 -19.36
C LEU B 44 3.33 -3.09 -18.35
N SER B 45 3.44 -2.75 -17.07
CA SER B 45 2.96 -3.62 -16.01
C SER B 45 1.53 -3.34 -15.57
N GLN B 46 1.15 -2.06 -15.55
CA GLN B 46 -0.19 -1.67 -15.08
C GLN B 46 -1.17 -1.12 -16.10
N ALA B 47 -0.72 -0.72 -17.28
CA ALA B 47 -1.65 -0.09 -18.21
C ALA B 47 -1.56 -0.44 -19.68
N ASP B 48 -2.25 0.39 -20.49
CA ASP B 48 -2.28 0.24 -21.93
C ASP B 48 -1.00 0.90 -22.46
N PRO B 49 -0.09 0.09 -23.02
CA PRO B 49 1.19 0.57 -23.57
C PRO B 49 1.08 1.33 -24.89
N GLY B 50 0.04 1.02 -25.65
CA GLY B 50 -0.17 1.66 -26.94
C GLY B 50 0.09 3.17 -27.01
N PRO B 51 -0.67 3.99 -26.27
CA PRO B 51 -0.50 5.45 -26.28
C PRO B 51 0.94 5.96 -26.15
N LEU B 52 1.66 5.52 -25.13
CA LEU B 52 3.04 5.97 -24.94
C LEU B 52 3.98 5.48 -26.03
N LEU B 53 3.93 4.19 -26.32
CA LEU B 53 4.78 3.62 -27.35
C LEU B 53 4.49 4.29 -28.69
N PHE B 54 3.23 4.57 -28.98
CA PHE B 54 2.91 5.23 -30.23
C PHE B 54 3.52 6.62 -30.25
N TYR B 55 3.36 7.33 -29.13
CA TYR B 55 3.89 8.68 -29.00
C TYR B 55 5.41 8.70 -29.22
N LEU B 56 6.11 7.80 -28.54
CA LEU B 56 7.56 7.75 -28.63
C LEU B 56 8.04 7.44 -30.04
N CYS B 57 7.43 6.45 -30.70
CA CYS B 57 7.83 6.10 -32.07
C CYS B 57 7.56 7.28 -33.00
N SER B 58 6.41 7.93 -32.81
CA SER B 58 6.03 9.06 -33.64
C SER B 58 6.99 10.22 -33.40
N GLU B 59 7.64 10.22 -32.24
CA GLU B 59 8.59 11.27 -31.91
C GLU B 59 9.83 11.08 -32.76
N VAL B 60 10.32 9.84 -32.79
CA VAL B 60 11.51 9.51 -33.57
C VAL B 60 11.31 9.86 -35.04
N TYR B 61 10.12 9.55 -35.55
CA TYR B 61 9.78 9.83 -36.93
C TYR B 61 9.81 11.33 -37.21
N GLN B 62 9.46 12.12 -36.21
CA GLN B 62 9.45 13.56 -36.36
C GLN B 62 10.87 14.12 -36.50
N GLN B 63 11.81 13.54 -35.75
CA GLN B 63 13.19 13.98 -35.76
C GLN B 63 14.07 13.28 -36.81
N THR B 64 13.41 12.69 -37.82
CA THR B 64 14.13 11.99 -38.87
C THR B 64 13.80 12.57 -40.25
N ASN B 65 14.78 12.51 -41.15
CA ASN B 65 14.62 13.03 -42.51
C ASN B 65 13.52 12.31 -43.28
N PRO B 66 12.66 13.09 -43.98
CA PRO B 66 11.54 12.57 -44.78
C PRO B 66 11.91 11.46 -45.76
N LYS B 67 13.20 11.33 -46.07
CA LYS B 67 13.66 10.31 -47.01
C LYS B 67 14.31 9.12 -46.32
N ASP B 68 14.35 9.15 -44.98
CA ASP B 68 14.96 8.07 -44.22
C ASP B 68 13.97 7.51 -43.20
N SER B 69 12.69 7.73 -43.42
CA SER B 69 11.69 7.27 -42.47
C SER B 69 10.42 6.61 -43.03
N ARG B 70 10.40 6.30 -44.32
CA ARG B 70 9.23 5.67 -44.89
C ARG B 70 8.89 4.34 -44.25
N SER B 71 9.90 3.52 -44.00
CA SER B 71 9.68 2.22 -43.38
C SER B 71 9.21 2.37 -41.93
N LEU B 72 9.67 3.42 -41.24
CA LEU B 72 9.26 3.63 -39.87
C LEU B 72 7.81 4.12 -39.85
N GLY B 73 7.42 4.80 -40.91
CA GLY B 73 6.07 5.30 -41.01
C GLY B 73 5.11 4.15 -41.28
N LYS B 74 5.61 3.10 -41.93
CA LYS B 74 4.79 1.94 -42.25
C LYS B 74 4.62 1.09 -41.00
N ASP B 75 5.69 1.00 -40.22
CA ASP B 75 5.67 0.22 -38.99
C ASP B 75 4.72 0.88 -38.00
N ILE B 76 4.86 2.19 -37.86
CA ILE B 76 4.00 2.93 -36.96
C ILE B 76 2.54 2.67 -37.33
N TRP B 77 2.25 2.76 -38.61
CA TRP B 77 0.90 2.52 -39.09
C TRP B 77 0.41 1.11 -38.77
N ASN B 78 1.20 0.10 -39.12
CA ASN B 78 0.80 -1.29 -38.89
C ASN B 78 0.74 -1.72 -37.44
N ILE B 79 1.54 -1.09 -36.59
CA ILE B 79 1.55 -1.44 -35.18
C ILE B 79 0.52 -0.70 -34.33
N PHE B 80 0.27 0.57 -34.65
CA PHE B 80 -0.66 1.37 -33.86
C PHE B 80 -1.97 1.86 -34.48
N LEU B 81 -1.95 2.23 -35.76
CA LEU B 81 -3.14 2.78 -36.39
C LEU B 81 -3.99 1.82 -37.23
N GLU B 82 -3.34 0.88 -37.90
CA GLU B 82 -4.02 -0.09 -38.74
C GLU B 82 -5.20 -0.77 -38.01
N LYS B 83 -6.17 -1.23 -38.77
CA LYS B 83 -7.35 -1.88 -38.21
C LYS B 83 -7.04 -3.06 -37.30
N ASN B 84 -6.17 -3.96 -37.75
CA ASN B 84 -5.80 -5.14 -36.95
C ASN B 84 -4.55 -4.88 -36.10
N ALA B 85 -4.22 -3.61 -35.90
CA ALA B 85 -3.05 -3.22 -35.12
C ALA B 85 -2.99 -3.87 -33.74
N PRO B 86 -1.87 -4.55 -33.44
CA PRO B 86 -1.63 -5.24 -32.17
C PRO B 86 -1.61 -4.30 -30.97
N LEU B 87 -1.14 -3.07 -31.18
CA LEU B 87 -1.09 -2.06 -30.12
C LEU B 87 -1.90 -0.86 -30.56
N ARG B 88 -3.11 -1.13 -31.06
CA ARG B 88 -3.98 -0.08 -31.56
C ARG B 88 -4.30 0.99 -30.52
N VAL B 89 -4.09 2.24 -30.92
CA VAL B 89 -4.39 3.37 -30.06
C VAL B 89 -5.57 4.04 -30.71
N LYS B 90 -6.43 4.67 -29.91
CA LYS B 90 -7.59 5.34 -30.46
C LYS B 90 -7.33 6.81 -30.67
N ILE B 91 -7.48 7.27 -31.91
CA ILE B 91 -7.29 8.67 -32.23
C ILE B 91 -8.51 9.12 -33.04
N PRO B 92 -8.72 10.44 -33.16
CA PRO B 92 -9.89 10.92 -33.92
C PRO B 92 -9.97 10.27 -35.30
N GLU B 93 -11.18 9.93 -35.73
CA GLU B 93 -11.39 9.30 -37.03
C GLU B 93 -10.86 10.14 -38.19
N MET B 94 -11.05 11.45 -38.12
CA MET B 94 -10.58 12.34 -39.18
C MET B 94 -9.06 12.16 -39.29
N LEU B 95 -8.38 12.17 -38.14
CA LEU B 95 -6.94 12.00 -38.06
C LEU B 95 -6.48 10.67 -38.63
N GLN B 96 -7.15 9.60 -38.24
CA GLN B 96 -6.82 8.27 -38.75
C GLN B 96 -6.81 8.33 -40.28
N ALA B 97 -7.94 8.75 -40.84
CA ALA B 97 -8.13 8.84 -42.28
C ALA B 97 -7.11 9.69 -43.03
N GLU B 98 -6.81 10.89 -42.52
CA GLU B 98 -5.85 11.74 -43.21
C GLU B 98 -4.43 11.19 -43.21
N ILE B 99 -4.05 10.52 -42.12
CA ILE B 99 -2.71 9.95 -42.05
C ILE B 99 -2.65 8.78 -43.02
N ASP B 100 -3.79 8.11 -43.19
CA ASP B 100 -3.90 6.98 -44.09
C ASP B 100 -3.68 7.43 -45.54
N LEU B 101 -4.29 8.55 -45.89
CA LEU B 101 -4.15 9.11 -47.24
C LEU B 101 -2.69 9.51 -47.49
N ARG B 102 -2.19 10.45 -46.70
CA ARG B 102 -0.83 10.94 -46.83
C ARG B 102 0.17 9.83 -47.14
N LEU B 103 0.10 8.74 -46.39
CA LEU B 103 1.01 7.61 -46.58
C LEU B 103 0.75 6.89 -47.90
N ARG B 104 -0.50 6.93 -48.35
CA ARG B 104 -0.90 6.31 -49.59
C ARG B 104 -0.59 7.18 -50.81
N ASN B 105 0.20 8.22 -50.60
CA ASN B 105 0.59 9.15 -51.66
C ASN B 105 2.04 9.55 -51.43
N ASN B 106 2.59 9.10 -50.32
CA ASN B 106 3.96 9.39 -49.93
C ASN B 106 4.19 10.89 -49.72
N GLU B 107 3.25 11.51 -49.01
CA GLU B 107 3.33 12.93 -48.70
C GLU B 107 3.99 13.09 -47.34
N ASP B 108 3.86 14.28 -46.75
CA ASP B 108 4.44 14.54 -45.45
C ASP B 108 3.36 14.39 -44.38
N PRO B 109 3.37 13.25 -43.66
CA PRO B 109 2.40 12.95 -42.61
C PRO B 109 2.67 13.62 -41.26
N ARG B 110 3.94 13.97 -41.03
CA ARG B 110 4.35 14.59 -39.76
C ARG B 110 3.36 15.57 -39.13
N ASN B 111 2.66 16.35 -39.94
CA ASN B 111 1.70 17.32 -39.40
C ASN B 111 0.48 16.69 -38.72
N VAL B 112 -0.23 15.80 -39.42
CA VAL B 112 -1.39 15.16 -38.81
C VAL B 112 -0.93 14.18 -37.76
N LEU B 113 0.25 13.62 -37.99
CA LEU B 113 0.84 12.66 -37.06
C LEU B 113 1.06 13.39 -35.74
N CYS B 114 1.53 14.64 -35.82
CA CYS B 114 1.75 15.44 -34.63
C CYS B 114 0.44 15.69 -33.91
N GLU B 115 -0.65 15.78 -34.67
CA GLU B 115 -1.98 15.97 -34.08
C GLU B 115 -2.44 14.68 -33.42
N ALA B 116 -2.00 13.55 -33.98
CA ALA B 116 -2.35 12.24 -33.44
C ALA B 116 -1.61 12.06 -32.11
N GLN B 117 -0.36 12.53 -32.08
CA GLN B 117 0.44 12.44 -30.86
C GLN B 117 -0.20 13.30 -29.78
N GLU B 118 -0.72 14.46 -30.18
CA GLU B 118 -1.35 15.34 -29.20
C GLU B 118 -2.63 14.73 -28.62
N ALA B 119 -3.42 14.07 -29.47
CA ALA B 119 -4.67 13.46 -29.02
C ALA B 119 -4.42 12.32 -28.02
N VAL B 120 -3.30 11.63 -28.18
CA VAL B 120 -2.94 10.52 -27.30
C VAL B 120 -2.36 11.06 -25.99
N MET B 121 -1.88 12.29 -26.02
CA MET B 121 -1.30 12.94 -24.86
C MET B 121 -2.25 12.91 -23.67
N LEU B 122 -3.54 13.06 -23.93
CA LEU B 122 -4.56 13.04 -22.88
C LEU B 122 -4.47 11.77 -22.02
N GLU B 123 -4.42 10.59 -22.68
CA GLU B 123 -4.32 9.35 -21.93
C GLU B 123 -2.95 9.21 -21.26
N ILE B 124 -1.89 9.60 -21.97
CA ILE B 124 -0.55 9.53 -21.40
C ILE B 124 -0.48 10.35 -20.11
N GLN B 125 -0.97 11.59 -20.17
CA GLN B 125 -0.96 12.45 -18.99
C GLN B 125 -1.75 11.79 -17.84
N GLU B 126 -2.86 11.13 -18.16
CA GLU B 126 -3.64 10.44 -17.12
C GLU B 126 -2.73 9.36 -16.51
N GLN B 127 -2.03 8.62 -17.36
CA GLN B 127 -1.12 7.56 -16.88
C GLN B 127 0.02 8.18 -16.07
N ILE B 128 0.54 9.32 -16.52
CA ILE B 128 1.60 10.01 -15.81
C ILE B 128 1.06 10.35 -14.42
N ASN B 129 -0.20 10.76 -14.36
CA ASN B 129 -0.82 11.11 -13.09
C ASN B 129 -1.07 9.89 -12.22
N ASP B 130 -1.43 8.76 -12.83
CA ASP B 130 -1.66 7.54 -12.07
C ASP B 130 -0.35 7.09 -11.44
N TYR B 131 0.76 7.25 -12.16
CA TYR B 131 2.03 6.83 -11.63
C TYR B 131 2.48 7.71 -10.48
N ARG B 132 2.19 9.01 -10.56
CA ARG B 132 2.58 9.93 -9.49
C ARG B 132 1.91 9.51 -8.19
N SER B 133 0.69 8.99 -8.28
CA SER B 133 0.00 8.56 -7.07
C SER B 133 0.60 7.26 -6.56
N LYS B 134 1.14 6.43 -7.46
CA LYS B 134 1.78 5.19 -7.02
C LYS B 134 3.02 5.61 -6.22
N ARG B 135 3.67 6.67 -6.69
CA ARG B 135 4.85 7.18 -6.02
C ARG B 135 4.49 7.68 -4.62
N THR B 136 3.35 8.36 -4.54
CA THR B 136 2.86 8.90 -3.27
C THR B 136 2.53 7.76 -2.31
N LEU B 137 2.09 6.63 -2.85
CA LEU B 137 1.77 5.47 -2.01
C LEU B 137 3.06 4.79 -1.55
N GLY B 138 4.19 5.30 -2.04
CA GLY B 138 5.48 4.76 -1.67
C GLY B 138 5.84 3.48 -2.40
N LEU B 139 5.16 3.21 -3.51
CA LEU B 139 5.40 2.01 -4.30
C LEU B 139 6.31 2.22 -5.50
N GLY B 140 7.08 3.31 -5.47
CA GLY B 140 7.97 3.59 -6.58
C GLY B 140 8.93 2.45 -6.92
N SER B 141 9.62 1.94 -5.90
CA SER B 141 10.58 0.86 -6.06
C SER B 141 9.99 -0.37 -6.72
N LEU B 142 8.66 -0.40 -6.80
CA LEU B 142 7.94 -1.49 -7.42
C LEU B 142 8.24 -1.48 -8.93
N TYR B 143 8.62 -0.32 -9.44
CA TYR B 143 8.87 -0.19 -10.86
C TYR B 143 10.27 0.26 -11.24
N GLY B 144 11.22 0.02 -10.33
CA GLY B 144 12.61 0.34 -10.61
C GLY B 144 13.18 1.64 -10.11
N GLU B 145 12.42 2.41 -9.33
CA GLU B 145 12.93 3.68 -8.84
C GLU B 145 14.20 3.58 -8.02
N ASN B 146 14.50 2.39 -7.52
CA ASN B 146 15.70 2.19 -6.72
C ASN B 146 16.97 2.37 -7.55
N ASP B 147 16.83 2.21 -8.87
CA ASP B 147 17.95 2.36 -9.79
C ASP B 147 18.21 3.83 -10.10
N LEU B 148 17.48 4.71 -9.43
CA LEU B 148 17.65 6.14 -9.62
C LEU B 148 18.37 6.71 -8.40
N LEU B 149 18.27 5.99 -7.28
CA LEU B 149 18.91 6.40 -6.03
C LEU B 149 20.42 6.40 -6.18
N GLY B 150 20.96 7.56 -6.51
CA GLY B 150 22.40 7.70 -6.70
C GLY B 150 22.69 8.17 -8.10
N LEU B 151 21.85 9.06 -8.60
CA LEU B 151 22.02 9.60 -9.94
C LEU B 151 22.17 11.11 -9.96
N ASP B 152 23.40 11.56 -10.23
CA ASP B 152 23.66 12.98 -10.32
C ASP B 152 23.18 13.38 -11.72
N GLY B 153 22.77 14.63 -11.88
CA GLY B 153 22.27 15.09 -13.17
C GLY B 153 23.24 15.08 -14.33
N ASP B 154 23.87 13.94 -14.60
CA ASP B 154 24.83 13.84 -15.69
C ASP B 154 24.28 13.05 -16.87
N PRO B 155 24.25 13.66 -18.06
CA PRO B 155 23.75 13.03 -19.28
C PRO B 155 24.33 11.64 -19.55
N LEU B 156 25.65 11.54 -19.54
CA LEU B 156 26.33 10.26 -19.79
C LEU B 156 26.11 9.27 -18.67
N ARG B 157 26.14 9.77 -17.44
CA ARG B 157 25.92 8.93 -16.27
C ARG B 157 24.59 8.19 -16.42
N GLU B 158 23.56 8.96 -16.74
CA GLU B 158 22.22 8.41 -16.88
C GLU B 158 22.02 7.46 -18.05
N ARG B 159 22.55 7.80 -19.22
CA ARG B 159 22.39 6.92 -20.39
C ARG B 159 22.90 5.51 -20.12
N GLN B 160 23.90 5.37 -19.27
CA GLN B 160 24.45 4.07 -18.93
C GLN B 160 23.45 3.27 -18.10
N MET B 161 22.76 3.97 -17.21
CA MET B 161 21.76 3.36 -16.35
C MET B 161 20.52 3.01 -17.16
N ALA B 162 20.28 3.76 -18.23
CA ALA B 162 19.14 3.52 -19.11
C ALA B 162 19.30 2.09 -19.64
N GLU B 163 20.56 1.74 -19.93
CA GLU B 163 20.90 0.40 -20.37
C GLU B 163 20.88 -0.33 -19.03
N LYS B 164 20.92 -1.65 -19.03
CA LYS B 164 20.88 -2.38 -17.76
C LYS B 164 19.43 -2.35 -17.26
N GLN B 165 18.84 -1.15 -17.21
CA GLN B 165 17.45 -1.01 -16.80
C GLN B 165 16.62 -1.56 -17.94
N LEU B 166 16.95 -1.10 -19.15
CA LEU B 166 16.28 -1.52 -20.37
C LEU B 166 16.62 -2.97 -20.68
N ALA B 167 17.83 -3.36 -20.32
CA ALA B 167 18.30 -4.72 -20.56
C ALA B 167 17.56 -5.71 -19.66
N ALA B 168 16.81 -5.18 -18.69
CA ALA B 168 16.07 -6.03 -17.77
C ALA B 168 14.56 -5.90 -17.91
N LEU B 169 14.11 -5.27 -19.00
CA LEU B 169 12.68 -5.11 -19.23
C LEU B 169 12.05 -6.38 -19.76
N GLY B 170 12.87 -7.27 -20.31
CA GLY B 170 12.34 -8.53 -20.84
C GLY B 170 11.52 -9.24 -19.78
N ASP B 171 11.82 -8.92 -18.52
CA ASP B 171 11.12 -9.50 -17.39
C ASP B 171 9.62 -9.26 -17.49
N ILE B 172 9.24 -8.02 -17.81
CA ILE B 172 7.83 -7.67 -17.95
C ILE B 172 7.35 -8.02 -19.36
N LEU B 173 8.17 -7.67 -20.36
CA LEU B 173 7.86 -7.93 -21.76
C LEU B 173 7.61 -9.40 -22.08
N SER B 174 7.81 -10.28 -21.11
CA SER B 174 7.58 -11.71 -21.33
C SER B 174 6.15 -12.10 -21.00
N LYS B 175 5.58 -11.47 -19.99
CA LYS B 175 4.21 -11.76 -19.58
C LYS B 175 3.24 -11.49 -20.73
N TYR B 176 3.79 -11.04 -21.86
CA TYR B 176 2.97 -10.72 -23.03
C TYR B 176 3.03 -11.77 -24.13
N GLU B 177 2.03 -11.74 -25.01
CA GLU B 177 1.96 -12.65 -26.14
C GLU B 177 3.00 -12.20 -27.16
N GLU B 178 3.59 -13.15 -27.87
CA GLU B 178 4.61 -12.86 -28.87
C GLU B 178 4.14 -11.82 -29.89
N ASP B 179 2.84 -11.79 -30.16
CA ASP B 179 2.30 -10.86 -31.13
C ASP B 179 2.16 -9.44 -30.56
N ARG B 180 2.27 -9.31 -29.24
CA ARG B 180 2.17 -8.01 -28.59
C ARG B 180 3.53 -7.58 -28.03
N SER B 181 4.29 -8.55 -27.53
CA SER B 181 5.60 -8.28 -26.97
C SER B 181 6.61 -7.91 -28.07
N ALA B 182 6.43 -8.49 -29.25
CA ALA B 182 7.32 -8.22 -30.38
C ALA B 182 7.21 -6.76 -30.79
N PRO B 183 5.99 -6.29 -31.13
CA PRO B 183 5.85 -4.88 -31.53
C PRO B 183 6.26 -3.93 -30.41
N MET B 184 5.96 -4.31 -29.17
CA MET B 184 6.33 -3.49 -28.02
C MET B 184 7.84 -3.31 -28.02
N ASP B 185 8.56 -4.44 -28.11
CA ASP B 185 10.01 -4.42 -28.12
C ASP B 185 10.49 -3.52 -29.25
N PHE B 186 9.88 -3.66 -30.42
CA PHE B 186 10.24 -2.84 -31.56
C PHE B 186 10.14 -1.37 -31.19
N ALA B 187 8.97 -1.00 -30.67
CA ALA B 187 8.72 0.38 -30.26
C ALA B 187 9.70 0.86 -29.19
N VAL B 188 9.81 0.11 -28.11
CA VAL B 188 10.70 0.48 -27.01
C VAL B 188 12.11 0.80 -27.51
N ASN B 189 12.73 -0.17 -28.17
CA ASN B 189 14.08 0.01 -28.69
C ASN B 189 14.19 1.06 -29.80
N THR B 190 13.10 1.30 -30.51
CA THR B 190 13.10 2.30 -31.58
C THR B 190 13.41 3.67 -30.99
N PHE B 191 12.83 3.96 -29.82
CA PHE B 191 13.05 5.25 -29.19
C PHE B 191 14.33 5.26 -28.38
N MET B 192 14.58 4.18 -27.64
CA MET B 192 15.77 4.09 -26.81
C MET B 192 17.04 4.25 -27.65
N SER B 193 17.12 3.53 -28.76
CA SER B 193 18.30 3.60 -29.62
C SER B 193 18.48 5.02 -30.16
N HIS B 194 17.38 5.72 -30.43
CA HIS B 194 17.48 7.08 -30.95
C HIS B 194 17.87 8.03 -29.82
N ALA B 195 17.90 7.49 -28.60
CA ALA B 195 18.26 8.26 -27.42
C ALA B 195 19.65 7.87 -26.97
N GLY B 196 20.36 7.15 -27.84
CA GLY B 196 21.71 6.72 -27.53
C GLY B 196 21.81 5.76 -26.36
N ILE B 197 20.94 4.75 -26.35
CA ILE B 197 20.93 3.78 -25.27
C ILE B 197 21.26 2.38 -25.76
MG MG C . 3.51 -5.19 11.66
AL ALF D . 2.65 -1.64 10.62
F1 ALF D . 1.50 -0.41 11.08
F2 ALF D . 3.24 -1.74 12.26
F3 ALF D . 3.64 -2.99 10.30
F4 ALF D . 2.06 -1.66 9.03
PB GDP E . 0.21 -4.23 11.20
O1B GDP E . -0.53 -4.47 9.97
O2B GDP E . 1.28 -5.20 11.44
O3B GDP E . 0.80 -2.77 11.31
O3A GDP E . -0.71 -4.26 12.47
PA GDP E . -0.75 -5.07 13.81
O1A GDP E . -0.98 -6.51 13.63
O2A GDP E . 0.42 -4.53 14.69
O5' GDP E . -2.12 -4.54 14.36
C5' GDP E . -2.41 -3.23 14.89
C4' GDP E . -3.28 -3.29 16.12
O4' GDP E . -4.56 -3.91 15.73
C3' GDP E . -2.76 -4.19 17.18
O3' GDP E . -2.90 -3.67 18.54
C2' GDP E . -3.57 -5.48 16.99
O2' GDP E . -3.83 -6.19 18.15
C1' GDP E . -4.91 -4.96 16.65
N9 GDP E . -5.61 -5.92 15.79
C8 GDP E . -5.13 -6.56 14.67
N7 GDP E . -6.11 -7.31 14.05
C5 GDP E . -7.24 -7.13 14.82
C6 GDP E . -8.65 -7.63 14.81
O6 GDP E . -9.06 -8.36 13.86
N1 GDP E . -9.48 -7.17 15.77
C2 GDP E . -9.11 -6.31 16.77
N2 GDP E . -10.00 -6.01 17.73
N3 GDP E . -7.86 -5.84 16.91
C4 GDP E . -6.90 -6.22 15.97
#